data_1X0G
#
_entry.id   1X0G
#
_cell.length_a   77.472
_cell.length_b   102.788
_cell.length_c   137.032
_cell.angle_alpha   90.00
_cell.angle_beta   90.00
_cell.angle_gamma   90.00
#
_symmetry.space_group_name_H-M   'I 2 2 2'
#
loop_
_entity.id
_entity.type
_entity.pdbx_description
1 polymer IscA
2 non-polymer 'SODIUM ION'
3 non-polymer 'FE2/S2 (INORGANIC) CLUSTER'
4 water water
#
_entity_poly.entity_id   1
_entity_poly.type   'polypeptide(L)'
_entity_poly.pdbx_seq_one_letter_code
;MVELTPAAIQELERLQTHGVRRGQAAILRIQVQPSECGDWRYDLALVAEPKPTDLLTQSQGWTIAIAAEAAELLRGLRVD
YIEDLMGGAFRFHNPNASQTCGCGMAFRVSRS
;
_entity_poly.pdbx_strand_id   A,B,C,D
#
loop_
_chem_comp.id
_chem_comp.type
_chem_comp.name
_chem_comp.formula
FES non-polymer 'FE2/S2 (INORGANIC) CLUSTER' 'Fe2 S2'
NA non-polymer 'SODIUM ION' 'Na 1'
#
# COMPACT_ATOMS: atom_id res chain seq x y z
N MET A 1 12.25 -11.52 -23.97
CA MET A 1 11.52 -11.33 -22.66
C MET A 1 10.07 -10.99 -22.88
N VAL A 2 9.81 -10.16 -23.88
CA VAL A 2 8.50 -9.64 -24.04
C VAL A 2 8.21 -9.58 -25.49
N GLU A 3 6.96 -9.83 -25.87
CA GLU A 3 6.57 -9.69 -27.25
C GLU A 3 5.36 -8.80 -27.48
N LEU A 4 5.38 -8.25 -28.69
CA LEU A 4 4.28 -7.52 -29.24
C LEU A 4 3.84 -8.15 -30.55
N THR A 5 2.53 -8.27 -30.70
CA THR A 5 1.94 -8.71 -31.95
C THR A 5 2.08 -7.60 -32.99
N PRO A 6 2.29 -7.97 -34.28
CA PRO A 6 2.35 -6.97 -35.34
C PRO A 6 1.20 -5.98 -35.21
N ALA A 7 0.07 -6.44 -34.68
CA ALA A 7 -1.10 -5.59 -34.59
C ALA A 7 -0.80 -4.44 -33.62
N ALA A 8 -0.22 -4.75 -32.45
CA ALA A 8 0.15 -3.72 -31.43
C ALA A 8 1.15 -2.68 -31.92
N ILE A 9 2.24 -3.16 -32.52
CA ILE A 9 3.23 -2.33 -33.21
C ILE A 9 2.63 -1.20 -34.01
N GLN A 10 1.50 -1.45 -34.63
CA GLN A 10 1.05 -0.55 -35.67
C GLN A 10 0.01 0.41 -35.17
N GLU A 11 -0.76 -0.07 -34.19
CA GLU A 11 -1.39 0.86 -33.30
C GLU A 11 -0.31 1.72 -32.66
N LEU A 12 0.91 1.18 -32.47
CA LEU A 12 2.01 2.04 -31.96
C LEU A 12 2.64 3.06 -32.97
N GLU A 13 2.26 2.96 -34.26
CA GLU A 13 2.44 4.13 -35.10
C GLU A 13 1.06 4.85 -35.02
N ARG A 14 1.20 5.98 -34.30
CA ARG A 14 0.43 6.30 -33.08
C ARG A 14 1.36 7.25 -32.37
N LEU A 15 2.58 7.25 -32.87
CA LEU A 15 3.38 8.41 -32.82
C LEU A 15 2.61 9.40 -33.74
N GLN A 16 1.34 9.67 -33.35
CA GLN A 16 0.59 10.84 -33.84
C GLN A 16 0.39 10.81 -35.37
N ILE A 27 10.72 3.45 -29.52
CA ILE A 27 10.92 2.70 -28.19
C ILE A 27 9.83 2.80 -27.03
N LEU A 28 9.48 1.62 -26.47
CA LEU A 28 8.32 1.48 -25.55
C LEU A 28 8.63 0.98 -24.13
N ARG A 29 7.94 1.55 -23.15
CA ARG A 29 8.37 1.29 -21.83
C ARG A 29 7.24 0.80 -21.03
N ILE A 30 7.37 -0.47 -20.69
CA ILE A 30 6.39 -1.14 -19.93
C ILE A 30 6.89 -1.15 -18.47
N GLN A 31 6.00 -0.72 -17.55
CA GLN A 31 6.15 -0.85 -16.10
C GLN A 31 4.74 -1.11 -15.43
N VAL A 32 4.64 -1.16 -14.11
CA VAL A 32 3.34 -1.44 -13.49
C VAL A 32 3.03 -0.38 -12.48
N GLN A 33 1.78 -0.20 -12.16
CA GLN A 33 1.57 0.58 -11.00
C GLN A 33 0.46 -0.04 -10.18
N PRO A 34 0.46 0.24 -8.89
CA PRO A 34 -0.59 -0.35 -8.07
C PRO A 34 -1.94 0.07 -8.58
N SER A 35 -2.96 -0.82 -8.51
CA SER A 35 -4.22 -0.50 -9.10
C SER A 35 -5.36 -0.98 -8.27
N GLU A 36 -6.54 -0.37 -8.43
CA GLU A 36 -7.74 -0.79 -7.74
C GLU A 36 -8.24 -2.18 -8.15
N CYS A 37 -8.56 -2.37 -9.41
CA CYS A 37 -8.78 -3.75 -9.91
C CYS A 37 -7.45 -4.50 -9.67
N GLY A 38 -7.49 -5.68 -9.07
CA GLY A 38 -6.26 -6.46 -9.01
C GLY A 38 -5.19 -5.80 -8.17
N ASP A 39 -3.92 -6.12 -8.49
CA ASP A 39 -2.86 -5.52 -7.79
C ASP A 39 -2.09 -4.53 -8.63
N TRP A 40 -1.82 -4.84 -9.89
CA TRP A 40 -0.95 -4.07 -10.70
C TRP A 40 -1.67 -3.76 -11.99
N ARG A 41 -1.53 -2.53 -12.48
CA ARG A 41 -2.05 -2.18 -13.76
C ARG A 41 -0.83 -1.83 -14.60
N TYR A 42 -0.77 -2.33 -15.84
CA TYR A 42 0.32 -1.97 -16.78
C TYR A 42 0.33 -0.47 -17.01
N ASP A 43 1.52 0.07 -17.10
CA ASP A 43 1.67 1.49 -17.37
C ASP A 43 2.51 1.53 -18.68
N LEU A 44 2.03 2.25 -19.70
CA LEU A 44 2.71 2.21 -20.99
C LEU A 44 3.11 3.55 -21.43
N ALA A 45 4.38 3.75 -21.69
CA ALA A 45 4.75 5.04 -22.23
C ALA A 45 5.62 4.90 -23.45
N LEU A 46 5.52 5.90 -24.32
CA LEU A 46 6.38 6.05 -25.48
C LEU A 46 7.51 6.89 -24.98
N VAL A 47 8.74 6.44 -25.14
CA VAL A 47 9.82 7.25 -24.55
C VAL A 47 11.04 7.51 -25.44
N ALA A 48 11.73 8.66 -25.21
CA ALA A 48 12.93 9.02 -25.98
C ALA A 48 14.11 8.10 -25.62
N GLU A 49 13.98 7.61 -24.14
CA GLU A 49 15.19 6.82 -23.82
C GLU A 49 14.77 5.84 -22.71
N PRO A 50 15.37 4.63 -22.72
CA PRO A 50 15.11 3.67 -21.62
C PRO A 50 15.87 4.08 -20.37
N LYS A 51 15.27 3.95 -19.18
CA LYS A 51 16.01 4.06 -17.95
C LYS A 51 17.26 3.23 -18.15
N PRO A 52 18.38 3.67 -17.57
CA PRO A 52 19.59 2.91 -17.92
C PRO A 52 19.54 1.41 -17.52
N THR A 53 18.75 1.06 -16.51
CA THR A 53 18.65 -0.31 -15.98
C THR A 53 17.41 -1.09 -16.46
N ASP A 54 16.66 -0.59 -17.45
CA ASP A 54 15.59 -1.39 -18.09
C ASP A 54 16.10 -2.65 -18.84
N LEU A 55 15.22 -3.63 -18.92
CA LEU A 55 15.48 -4.84 -19.70
C LEU A 55 14.88 -4.77 -21.12
N LEU A 56 15.78 -4.65 -22.11
CA LEU A 56 15.41 -4.31 -23.46
C LEU A 56 15.15 -5.52 -24.36
N THR A 57 14.16 -5.42 -25.24
CA THR A 57 14.09 -6.39 -26.32
C THR A 57 13.77 -5.73 -27.65
N GLN A 58 14.51 -6.15 -28.68
CA GLN A 58 14.15 -5.83 -30.04
C GLN A 58 12.98 -6.73 -30.46
N SER A 59 12.20 -6.35 -31.48
CA SER A 59 11.15 -7.25 -32.04
C SER A 59 10.20 -6.56 -33.00
N GLN A 60 10.60 -6.55 -34.27
CA GLN A 60 9.98 -5.74 -35.35
C GLN A 60 10.52 -4.29 -35.28
N GLY A 61 11.88 -4.23 -35.26
CA GLY A 61 12.63 -2.98 -35.15
C GLY A 61 12.19 -1.97 -34.09
N TRP A 62 11.54 -2.44 -33.00
CA TRP A 62 11.14 -1.54 -31.88
C TRP A 62 11.97 -1.94 -30.67
N THR A 63 12.35 -0.98 -29.84
CA THR A 63 12.91 -1.43 -28.58
C THR A 63 11.85 -1.42 -27.49
N ILE A 64 11.88 -2.46 -26.65
CA ILE A 64 10.96 -2.61 -25.55
C ILE A 64 11.69 -2.59 -24.22
N ALA A 65 11.31 -1.61 -23.38
CA ALA A 65 11.96 -1.31 -22.14
C ALA A 65 11.11 -1.80 -20.97
N ILE A 66 11.53 -2.95 -20.41
CA ILE A 66 10.91 -3.47 -19.24
C ILE A 66 11.66 -2.96 -18.04
N ALA A 67 10.91 -2.33 -17.12
CA ALA A 67 11.51 -1.87 -15.85
C ALA A 67 11.98 -3.01 -14.95
N ALA A 68 13.20 -2.85 -14.48
CA ALA A 68 13.94 -3.91 -13.83
C ALA A 68 13.22 -4.36 -12.54
N GLU A 69 12.65 -3.44 -11.81
CA GLU A 69 12.02 -3.83 -10.58
C GLU A 69 10.82 -4.77 -10.89
N ALA A 70 10.31 -4.69 -12.13
CA ALA A 70 9.06 -5.39 -12.52
C ALA A 70 9.34 -6.60 -13.34
N ALA A 71 10.61 -6.81 -13.68
CA ALA A 71 11.01 -8.00 -14.46
C ALA A 71 10.18 -9.19 -13.99
N GLU A 72 10.23 -9.50 -12.70
CA GLU A 72 9.55 -10.64 -12.12
C GLU A 72 8.14 -10.65 -12.53
N LEU A 73 7.47 -9.50 -12.51
CA LEU A 73 6.07 -9.43 -12.80
C LEU A 73 5.74 -9.50 -14.30
N LEU A 74 6.76 -9.31 -15.16
CA LEU A 74 6.59 -9.16 -16.60
C LEU A 74 7.34 -10.10 -17.56
N ARG A 75 8.30 -10.88 -17.06
CA ARG A 75 9.09 -11.79 -17.90
C ARG A 75 8.06 -12.62 -18.60
N GLY A 76 8.10 -12.57 -19.92
CA GLY A 76 7.32 -13.45 -20.74
C GLY A 76 6.09 -12.78 -21.30
N LEU A 77 6.01 -11.46 -21.12
CA LEU A 77 4.74 -10.77 -21.40
C LEU A 77 4.42 -10.68 -22.89
N ARG A 78 3.13 -10.65 -23.21
CA ARG A 78 2.66 -10.54 -24.60
C ARG A 78 1.65 -9.40 -24.75
N VAL A 79 1.89 -8.58 -25.75
CA VAL A 79 1.11 -7.36 -25.87
C VAL A 79 0.49 -7.21 -27.27
N ASP A 80 -0.80 -6.97 -27.23
CA ASP A 80 -1.54 -7.03 -28.46
C ASP A 80 -2.54 -5.94 -28.35
N TYR A 81 -2.89 -5.44 -29.51
CA TYR A 81 -3.87 -4.45 -29.67
C TYR A 81 -5.06 -5.10 -30.34
N ILE A 82 -6.24 -4.85 -29.77
CA ILE A 82 -7.48 -5.35 -30.31
C ILE A 82 -8.57 -4.28 -30.22
N GLU A 83 -9.33 -4.05 -31.29
CA GLU A 83 -10.55 -3.28 -31.13
C GLU A 83 -11.71 -4.29 -31.11
N ASP A 84 -12.31 -4.44 -29.95
CA ASP A 84 -13.35 -5.38 -29.81
C ASP A 84 -14.59 -4.64 -29.42
N LEU A 85 -15.56 -5.31 -28.85
CA LEU A 85 -16.83 -4.67 -28.61
C LEU A 85 -16.73 -3.70 -27.45
N MET A 86 -15.65 -3.75 -26.70
CA MET A 86 -15.53 -2.76 -25.63
C MET A 86 -14.72 -1.57 -26.09
N GLY A 87 -14.21 -1.65 -27.31
CA GLY A 87 -13.43 -0.59 -27.89
C GLY A 87 -12.02 -1.05 -28.12
N GLY A 88 -11.09 -0.10 -28.28
CA GLY A 88 -9.77 -0.41 -28.78
C GLY A 88 -8.83 -0.18 -27.64
N ALA A 89 -7.94 -1.13 -27.36
CA ALA A 89 -7.11 -1.08 -26.18
C ALA A 89 -5.99 -2.09 -26.35
N PHE A 90 -4.89 -1.83 -25.69
CA PHE A 90 -3.86 -2.85 -25.60
C PHE A 90 -4.37 -3.97 -24.73
N ARG A 91 -3.85 -5.17 -25.01
CA ARG A 91 -4.23 -6.40 -24.33
C ARG A 91 -2.97 -7.19 -23.91
N PHE A 92 -3.14 -8.00 -22.85
CA PHE A 92 -2.03 -8.53 -22.17
C PHE A 92 -2.16 -9.95 -21.80
N HIS A 93 -1.18 -10.71 -22.18
CA HIS A 93 -1.10 -12.08 -21.82
C HIS A 93 0.23 -12.27 -21.08
N ASN A 94 0.08 -12.14 -19.77
CA ASN A 94 1.14 -12.21 -18.80
C ASN A 94 1.21 -13.58 -18.11
N PRO A 95 2.24 -14.32 -18.42
CA PRO A 95 2.24 -15.66 -17.89
C PRO A 95 2.42 -15.60 -16.39
N ASN A 96 2.85 -14.47 -15.82
CA ASN A 96 2.96 -14.46 -14.40
C ASN A 96 1.73 -14.14 -13.66
N ALA A 97 0.71 -13.64 -14.36
CA ALA A 97 -0.61 -13.26 -13.77
C ALA A 97 -1.19 -14.47 -13.26
N SER A 98 -1.53 -14.45 -11.99
CA SER A 98 -2.37 -15.48 -11.45
C SER A 98 -3.84 -15.05 -11.47
N GLN A 99 -4.15 -13.82 -11.82
CA GLN A 99 -5.55 -13.35 -11.92
C GLN A 99 -5.40 -12.13 -12.77
N THR A 100 -6.34 -11.83 -13.66
CA THR A 100 -6.36 -10.56 -14.41
C THR A 100 -7.73 -10.00 -14.11
N CYS A 101 -7.92 -8.68 -14.11
CA CYS A 101 -9.25 -8.13 -13.94
C CYS A 101 -10.02 -8.55 -15.24
N GLY A 102 -11.31 -8.22 -15.30
CA GLY A 102 -12.14 -8.36 -16.50
C GLY A 102 -11.48 -7.81 -17.73
N CYS A 103 -10.79 -6.65 -17.71
CA CYS A 103 -10.37 -6.02 -18.99
C CYS A 103 -8.98 -6.51 -19.40
N GLY A 104 -8.25 -7.08 -18.46
CA GLY A 104 -6.94 -7.54 -18.79
C GLY A 104 -5.86 -6.56 -18.38
N MET A 105 -6.21 -5.35 -17.99
CA MET A 105 -5.12 -4.40 -17.77
C MET A 105 -4.64 -4.42 -16.32
N ALA A 106 -5.31 -5.15 -15.47
CA ALA A 106 -4.86 -5.30 -14.09
C ALA A 106 -4.72 -6.76 -13.77
N PHE A 107 -3.68 -7.07 -13.03
CA PHE A 107 -3.48 -8.44 -12.52
C PHE A 107 -2.94 -8.55 -11.07
N ARG A 108 -2.70 -9.78 -10.68
CA ARG A 108 -2.02 -10.11 -9.41
C ARG A 108 -1.27 -11.34 -9.66
N VAL A 109 -0.17 -11.56 -8.98
CA VAL A 109 0.55 -12.79 -9.20
C VAL A 109 0.34 -13.56 -7.91
N SER A 110 0.87 -14.76 -7.83
CA SER A 110 0.62 -15.56 -6.65
C SER A 110 1.51 -15.12 -5.52
N ARG A 111 0.97 -15.18 -4.30
CA ARG A 111 1.67 -14.70 -3.10
C ARG A 111 2.92 -15.46 -2.80
N SER A 112 3.93 -14.71 -2.33
CA SER A 112 5.30 -15.25 -1.97
C SER A 112 5.43 -15.73 -0.50
N MET B 1 16.42 11.84 -1.40
CA MET B 1 16.61 10.39 -1.65
C MET B 1 15.96 9.71 -0.45
N VAL B 2 16.54 8.66 0.11
CA VAL B 2 15.98 8.10 1.32
C VAL B 2 16.29 8.86 2.62
N GLU B 3 15.29 9.08 3.46
CA GLU B 3 15.57 9.52 4.82
C GLU B 3 15.36 8.45 5.90
N LEU B 4 16.21 8.48 6.92
CA LEU B 4 16.06 7.59 8.06
C LEU B 4 15.96 8.45 9.24
N THR B 5 14.84 8.46 9.93
CA THR B 5 14.65 9.29 11.12
C THR B 5 15.61 8.80 12.16
N PRO B 6 15.77 9.55 13.24
CA PRO B 6 16.91 9.08 14.04
C PRO B 6 16.56 7.87 14.88
N ALA B 7 15.24 7.67 15.04
CA ALA B 7 14.77 6.49 15.72
C ALA B 7 15.05 5.25 14.88
N ALA B 8 15.06 5.43 13.56
CA ALA B 8 15.35 4.31 12.65
C ALA B 8 16.85 4.01 12.74
N ILE B 9 17.63 5.04 12.92
CA ILE B 9 19.06 4.86 13.11
C ILE B 9 19.42 4.06 14.39
N GLN B 10 18.78 4.35 15.51
CA GLN B 10 19.18 3.63 16.73
C GLN B 10 18.83 2.17 16.60
N GLU B 11 17.79 1.93 15.83
CA GLU B 11 17.32 0.62 15.71
C GLU B 11 18.27 -0.09 14.83
N LEU B 12 18.62 0.54 13.74
CA LEU B 12 19.71 0.00 12.97
C LEU B 12 20.89 -0.27 13.85
N GLU B 13 21.32 0.76 14.56
CA GLU B 13 22.51 0.64 15.38
C GLU B 13 22.34 -0.49 16.37
N ARG B 14 21.16 -0.60 16.97
CA ARG B 14 20.86 -1.70 17.83
C ARG B 14 21.01 -3.03 17.08
N LEU B 15 20.82 -3.02 15.78
CA LEU B 15 20.85 -4.29 15.06
C LEU B 15 22.17 -4.81 14.54
N GLN B 16 23.17 -3.96 14.36
CA GLN B 16 24.45 -4.43 13.79
C GLN B 16 25.25 -5.42 14.64
N THR B 17 25.14 -5.31 15.96
CA THR B 17 25.50 -6.44 16.83
C THR B 17 24.34 -7.47 16.87
N HIS B 18 23.68 -7.60 18.02
CA HIS B 18 22.94 -8.82 18.28
C HIS B 18 23.77 -10.11 17.92
N GLY B 19 24.18 -10.85 18.96
CA GLY B 19 24.86 -12.16 18.83
C GLY B 19 26.38 -12.14 18.76
N VAL B 20 26.90 -11.57 17.66
CA VAL B 20 28.31 -11.17 17.39
C VAL B 20 28.21 -10.74 15.94
N ARG B 21 27.22 -9.91 15.64
CA ARG B 21 26.98 -9.63 14.24
C ARG B 21 27.87 -8.58 13.61
N ARG B 22 29.18 -8.84 13.67
CA ARG B 22 30.20 -8.18 12.85
C ARG B 22 30.64 -6.80 13.34
N GLY B 23 31.68 -6.78 14.18
CA GLY B 23 32.35 -5.52 14.49
C GLY B 23 33.00 -4.88 13.26
N GLN B 24 32.41 -5.09 12.08
CA GLN B 24 32.99 -4.58 10.82
C GLN B 24 32.04 -3.56 10.13
N ALA B 25 32.44 -3.09 8.93
CA ALA B 25 31.68 -2.11 8.07
C ALA B 25 30.23 -2.55 7.95
N ALA B 26 29.25 -1.65 7.86
CA ALA B 26 27.84 -2.07 7.71
C ALA B 26 27.04 -1.03 7.03
N ILE B 27 26.66 -1.28 5.79
CA ILE B 27 25.86 -0.41 4.96
C ILE B 27 24.40 -0.86 4.95
N LEU B 28 23.51 0.10 4.98
CA LEU B 28 22.14 -0.19 4.84
C LEU B 28 21.89 -0.32 3.37
N ARG B 29 21.50 -1.51 2.93
CA ARG B 29 21.14 -1.75 1.52
C ARG B 29 19.64 -1.98 1.35
N ILE B 30 19.05 -1.17 0.50
CA ILE B 30 17.63 -1.22 0.28
C ILE B 30 17.52 -1.69 -1.12
N GLN B 31 16.73 -2.73 -1.29
CA GLN B 31 16.28 -3.20 -2.60
C GLN B 31 14.83 -3.50 -2.39
N VAL B 32 14.18 -3.89 -3.46
CA VAL B 32 12.78 -3.82 -3.42
C VAL B 32 12.31 -5.05 -4.11
N GLN B 33 11.08 -5.45 -3.82
CA GLN B 33 10.48 -6.53 -4.53
C GLN B 33 8.99 -6.44 -4.60
N PRO B 34 8.44 -6.87 -5.71
CA PRO B 34 7.02 -6.75 -5.84
C PRO B 34 6.30 -7.51 -4.79
N SER B 35 5.34 -6.90 -4.13
CA SER B 35 4.60 -7.63 -3.17
C SER B 35 3.16 -7.10 -3.31
N GLU B 36 2.40 -7.06 -2.23
CA GLU B 36 1.04 -6.61 -2.24
C GLU B 36 0.73 -6.12 -0.81
N CYS B 37 -0.25 -5.23 -0.59
CA CYS B 37 -0.68 -4.94 0.77
C CYS B 37 -2.13 -4.47 0.91
N GLY B 38 -2.60 -4.39 2.12
CA GLY B 38 -3.89 -3.96 2.40
C GLY B 38 -3.88 -2.61 1.82
N ASP B 39 -5.03 -2.10 1.42
CA ASP B 39 -5.18 -0.88 0.69
C ASP B 39 -6.60 -0.52 0.95
N TRP B 40 -6.95 0.75 0.89
CA TRP B 40 -8.34 1.12 0.94
C TRP B 40 -8.86 1.42 -0.42
N ARG B 41 -9.96 0.83 -0.84
CA ARG B 41 -10.44 1.10 -2.17
C ARG B 41 -11.45 2.27 -1.98
N TYR B 42 -11.51 3.21 -2.93
CA TYR B 42 -12.42 4.37 -2.83
C TYR B 42 -13.69 4.11 -3.57
N ASP B 43 -14.81 4.26 -2.88
CA ASP B 43 -16.11 4.27 -3.54
C ASP B 43 -16.64 5.70 -3.82
N LEU B 44 -16.41 6.17 -5.03
CA LEU B 44 -16.93 7.46 -5.34
C LEU B 44 -18.34 7.26 -5.86
N ALA B 45 -19.31 8.10 -5.43
CA ALA B 45 -20.75 8.00 -5.86
C ALA B 45 -21.30 9.40 -6.03
N LEU B 46 -22.35 9.58 -6.82
CA LEU B 46 -22.96 10.86 -6.91
C LEU B 46 -24.34 10.85 -6.34
N VAL B 47 -24.47 11.01 -5.05
CA VAL B 47 -25.74 11.11 -4.39
C VAL B 47 -26.39 12.45 -4.55
N ALA B 48 -27.66 12.48 -4.19
CA ALA B 48 -28.45 13.73 -4.12
C ALA B 48 -28.02 14.47 -2.86
N GLU B 49 -27.73 13.69 -1.81
CA GLU B 49 -27.55 14.25 -0.45
C GLU B 49 -26.33 13.67 0.20
N PRO B 50 -25.79 14.38 1.21
CA PRO B 50 -24.86 13.81 2.16
C PRO B 50 -25.64 13.05 3.23
N LYS B 51 -24.99 12.11 3.90
CA LYS B 51 -25.55 11.61 5.18
C LYS B 51 -25.44 12.70 6.26
N PRO B 52 -26.41 12.78 7.21
CA PRO B 52 -26.35 13.86 8.23
C PRO B 52 -25.11 13.85 9.14
N THR B 53 -23.96 13.51 8.58
CA THR B 53 -22.83 12.98 9.33
C THR B 53 -21.46 12.98 8.56
N ASP B 54 -21.53 13.12 7.25
CA ASP B 54 -20.36 13.27 6.42
C ASP B 54 -19.60 14.60 6.62
N LEU B 55 -18.33 14.58 6.23
CA LEU B 55 -17.56 15.79 6.22
C LEU B 55 -17.43 16.35 4.80
N LEU B 56 -17.81 17.60 4.74
CA LEU B 56 -18.10 18.23 3.52
C LEU B 56 -16.95 19.14 3.25
N THR B 57 -16.27 18.94 2.14
CA THR B 57 -15.36 19.92 1.65
C THR B 57 -15.86 20.40 0.33
N GLN B 58 -15.03 21.18 -0.32
CA GLN B 58 -15.37 21.91 -1.49
C GLN B 58 -14.17 21.91 -2.38
N SER B 59 -14.31 21.43 -3.59
CA SER B 59 -13.23 21.43 -4.56
C SER B 59 -13.90 21.61 -5.90
N GLN B 60 -13.31 22.48 -6.69
CA GLN B 60 -13.78 22.82 -8.01
C GLN B 60 -15.28 23.18 -8.02
N GLY B 61 -15.72 23.77 -6.91
CA GLY B 61 -17.12 24.18 -6.71
C GLY B 61 -18.06 22.95 -6.68
N TRP B 62 -17.51 21.75 -6.63
CA TRP B 62 -18.33 20.57 -6.38
C TRP B 62 -18.23 20.34 -4.92
N THR B 63 -19.34 20.09 -4.24
CA THR B 63 -19.23 19.55 -2.88
C THR B 63 -18.74 18.08 -2.82
N ILE B 64 -17.92 17.77 -1.81
CA ILE B 64 -17.44 16.39 -1.60
C ILE B 64 -17.79 15.98 -0.19
N ALA B 65 -18.47 14.85 -0.07
CA ALA B 65 -18.79 14.32 1.24
C ALA B 65 -17.95 13.09 1.53
N ILE B 66 -17.59 12.92 2.77
CA ILE B 66 -16.86 11.78 3.18
C ILE B 66 -17.45 11.27 4.49
N ALA B 67 -17.48 9.95 4.55
CA ALA B 67 -18.08 9.21 5.64
C ALA B 67 -17.32 9.62 6.86
N ALA B 68 -18.03 10.14 7.86
CA ALA B 68 -17.45 10.51 9.19
C ALA B 68 -16.26 9.64 9.58
N GLU B 69 -16.39 8.37 9.32
CA GLU B 69 -15.48 7.41 9.81
C GLU B 69 -14.30 7.09 8.87
N ALA B 70 -14.40 7.40 7.57
CA ALA B 70 -13.22 7.34 6.71
C ALA B 70 -12.44 8.66 6.73
N ALA B 71 -12.81 9.56 7.66
CA ALA B 71 -12.24 10.89 7.70
C ALA B 71 -10.72 10.83 7.63
N GLU B 72 -10.08 10.09 8.54
CA GLU B 72 -8.61 10.09 8.56
C GLU B 72 -8.01 9.47 7.28
N LEU B 73 -8.66 8.48 6.72
CA LEU B 73 -8.02 7.88 5.57
C LEU B 73 -8.11 8.80 4.39
N LEU B 74 -9.03 9.76 4.47
CA LEU B 74 -9.45 10.41 3.24
C LEU B 74 -8.92 11.82 3.03
N ARG B 75 -8.78 12.62 4.09
CA ARG B 75 -8.11 13.94 3.96
C ARG B 75 -6.76 13.57 3.36
N GLY B 76 -6.30 14.32 2.37
CA GLY B 76 -5.03 13.93 1.79
C GLY B 76 -5.21 13.27 0.44
N LEU B 77 -6.34 12.60 0.22
CA LEU B 77 -6.72 12.12 -1.13
C LEU B 77 -6.82 13.22 -2.17
N ARG B 78 -6.11 13.02 -3.26
CA ARG B 78 -6.19 13.76 -4.44
C ARG B 78 -6.62 12.79 -5.61
N VAL B 79 -7.73 13.13 -6.28
CA VAL B 79 -8.28 12.33 -7.35
C VAL B 79 -7.93 13.03 -8.70
N ASP B 80 -7.30 12.30 -9.59
CA ASP B 80 -6.88 12.92 -10.81
C ASP B 80 -7.49 12.01 -11.85
N TYR B 81 -7.21 12.25 -13.13
CA TYR B 81 -7.73 11.41 -14.20
C TYR B 81 -6.83 11.65 -15.37
N ILE B 82 -6.26 10.60 -15.91
CA ILE B 82 -5.30 10.70 -16.97
C ILE B 82 -5.70 9.78 -18.12
N GLU B 83 -5.45 10.29 -19.30
CA GLU B 83 -5.58 9.44 -20.43
C GLU B 83 -4.21 9.20 -21.00
N ASP B 84 -3.83 7.94 -21.15
CA ASP B 84 -2.55 7.61 -21.79
C ASP B 84 -2.80 6.46 -22.84
N LEU B 85 -1.74 5.76 -23.22
CA LEU B 85 -1.82 4.59 -24.02
C LEU B 85 -2.77 3.53 -23.50
N MET B 86 -2.85 3.30 -22.19
CA MET B 86 -3.77 2.34 -21.58
C MET B 86 -5.16 2.89 -21.40
N GLY B 87 -5.44 4.07 -21.94
CA GLY B 87 -6.73 4.65 -21.76
C GLY B 87 -6.88 5.69 -20.67
N GLY B 88 -8.06 5.66 -20.07
CA GLY B 88 -8.52 6.76 -19.30
C GLY B 88 -8.83 6.19 -17.93
N ALA B 89 -8.21 6.72 -16.88
CA ALA B 89 -8.49 6.15 -15.61
C ALA B 89 -8.33 7.19 -14.55
N PHE B 90 -9.23 7.11 -13.60
CA PHE B 90 -9.00 7.88 -12.40
C PHE B 90 -7.68 7.48 -11.71
N ARG B 91 -7.05 8.39 -11.00
CA ARG B 91 -5.83 8.17 -10.34
C ARG B 91 -6.00 8.67 -8.90
N PHE B 92 -5.70 7.82 -7.95
CA PHE B 92 -5.97 8.14 -6.63
C PHE B 92 -4.63 8.41 -5.99
N HIS B 93 -4.42 9.61 -5.42
CA HIS B 93 -3.19 9.87 -4.62
C HIS B 93 -3.53 10.21 -3.15
N ASN B 94 -2.94 9.52 -2.18
CA ASN B 94 -3.26 9.77 -0.77
C ASN B 94 -2.04 9.57 0.13
N PRO B 95 -1.51 10.63 0.76
CA PRO B 95 -0.23 10.30 1.37
C PRO B 95 -0.39 9.38 2.61
N ASN B 96 -1.45 9.56 3.40
CA ASN B 96 -1.73 8.64 4.53
C ASN B 96 -1.84 7.11 4.19
N ALA B 97 -2.48 6.75 3.09
CA ALA B 97 -2.47 5.36 2.57
C ALA B 97 -1.07 4.85 2.23
N SER B 98 -0.21 5.82 1.85
CA SER B 98 1.26 5.62 1.66
C SER B 98 2.06 5.02 2.85
N GLN B 99 1.44 4.91 4.03
CA GLN B 99 2.17 4.49 5.19
C GLN B 99 2.15 2.97 5.17
N THR B 100 3.30 2.34 5.11
CA THR B 100 3.36 0.92 5.25
C THR B 100 4.10 0.51 6.55
N CYS B 101 3.67 -0.56 7.18
CA CYS B 101 4.29 -0.94 8.44
C CYS B 101 5.26 -2.11 8.29
N GLY B 102 6.43 -2.02 8.91
CA GLY B 102 7.53 -2.91 8.52
C GLY B 102 7.41 -4.23 9.24
N CYS B 103 8.24 -5.20 8.85
CA CYS B 103 8.12 -6.49 9.47
C CYS B 103 8.40 -6.42 10.98
N GLY B 104 7.78 -7.28 11.76
CA GLY B 104 7.98 -7.17 13.20
C GLY B 104 8.89 -8.21 13.84
N MET B 105 9.56 -9.02 12.97
CA MET B 105 10.39 -10.22 13.31
C MET B 105 11.58 -9.93 14.25
N ALA B 106 12.16 -8.73 14.05
CA ALA B 106 13.23 -8.18 14.87
C ALA B 106 12.78 -8.11 16.35
N PHE B 107 11.51 -7.76 16.57
CA PHE B 107 10.92 -7.65 17.91
C PHE B 107 10.40 -8.97 18.54
N ARG B 108 10.25 -10.02 17.75
CA ARG B 108 9.49 -11.21 18.20
C ARG B 108 10.33 -12.55 18.41
N VAL B 109 10.10 -13.27 19.55
CA VAL B 109 10.56 -14.72 19.83
C VAL B 109 9.49 -15.73 20.42
N SER B 110 8.97 -16.69 19.63
CA SER B 110 8.02 -17.72 20.15
C SER B 110 8.63 -19.12 20.16
N MET C 1 -18.33 -9.83 18.89
CA MET C 1 -17.06 -9.57 18.14
C MET C 1 -15.93 -9.12 19.09
N VAL C 2 -14.76 -9.72 18.92
CA VAL C 2 -13.57 -9.30 19.69
C VAL C 2 -13.47 -9.69 21.16
N GLU C 3 -12.48 -10.51 21.45
CA GLU C 3 -12.35 -11.05 22.75
C GLU C 3 -10.97 -10.84 23.33
N LEU C 4 -10.91 -10.51 24.62
CA LEU C 4 -9.65 -10.48 25.31
C LEU C 4 -9.53 -11.55 26.34
N THR C 5 -8.38 -12.19 26.36
CA THR C 5 -8.08 -13.16 27.40
C THR C 5 -7.71 -12.37 28.63
N PRO C 6 -8.00 -12.90 29.82
CA PRO C 6 -7.55 -12.19 31.01
C PRO C 6 -6.06 -11.93 30.92
N ALA C 7 -5.28 -12.88 30.45
CA ALA C 7 -3.86 -12.63 30.21
C ALA C 7 -3.62 -11.27 29.49
N ALA C 8 -4.21 -11.08 28.31
CA ALA C 8 -4.22 -9.73 27.65
C ALA C 8 -4.78 -8.55 28.56
N ILE C 9 -5.86 -8.77 29.28
CA ILE C 9 -6.37 -7.74 30.21
C ILE C 9 -5.35 -7.32 31.25
N GLN C 10 -4.69 -8.32 31.81
CA GLN C 10 -3.73 -8.16 32.89
C GLN C 10 -2.56 -7.34 32.40
N GLU C 11 -2.11 -7.64 31.19
CA GLU C 11 -1.05 -6.90 30.62
C GLU C 11 -1.51 -5.50 30.27
N LEU C 12 -2.74 -5.38 29.80
CA LEU C 12 -3.25 -4.06 29.58
C LEU C 12 -3.34 -3.18 30.80
N GLU C 13 -3.74 -3.70 31.94
CA GLU C 13 -3.75 -2.78 33.08
C GLU C 13 -2.36 -2.43 33.55
N ARG C 14 -1.39 -3.27 33.18
CA ARG C 14 0.00 -3.12 33.57
C ARG C 14 0.61 -1.89 32.91
N LEU C 15 0.29 -1.70 31.64
CA LEU C 15 0.80 -0.58 30.84
C LEU C 15 0.00 0.69 31.11
N GLN C 16 -1.24 0.52 31.56
CA GLN C 16 -2.14 1.60 31.94
C GLN C 16 -1.59 2.12 33.29
N THR C 17 -0.34 1.75 33.54
CA THR C 17 0.50 2.29 34.60
C THR C 17 1.96 2.01 34.18
N HIS C 18 2.93 2.60 34.86
CA HIS C 18 4.37 2.34 34.56
C HIS C 18 4.73 2.64 33.10
N GLY C 19 3.78 3.21 32.39
CA GLY C 19 4.00 3.79 31.08
C GLY C 19 2.82 4.74 30.96
N VAL C 20 2.62 5.55 32.02
CA VAL C 20 1.41 6.39 32.28
C VAL C 20 1.02 7.38 31.16
N ARG C 21 1.55 7.12 29.96
CA ARG C 21 0.84 7.40 28.69
C ARG C 21 -0.42 6.48 28.71
N ARG C 22 -1.50 7.02 29.26
CA ARG C 22 -2.74 6.27 29.48
C ARG C 22 -3.94 6.76 28.61
N GLY C 23 -4.24 8.05 28.68
CA GLY C 23 -5.54 8.57 28.29
C GLY C 23 -6.41 8.28 29.50
N GLN C 24 -5.85 7.41 30.36
CA GLN C 24 -6.30 7.05 31.72
C GLN C 24 -7.72 6.47 31.81
N ALA C 25 -8.14 5.87 30.68
CA ALA C 25 -9.40 5.13 30.55
C ALA C 25 -9.04 3.76 30.13
N ALA C 26 -9.78 2.79 30.65
CA ALA C 26 -9.61 1.41 30.18
C ALA C 26 -10.23 1.34 28.76
N ILE C 27 -9.56 2.02 27.80
CA ILE C 27 -9.90 1.90 26.37
C ILE C 27 -8.75 1.45 25.43
N LEU C 28 -9.02 0.35 24.76
CA LEU C 28 -8.10 -0.22 23.84
C LEU C 28 -8.68 -0.07 22.50
N ARG C 29 -7.95 0.58 21.63
CA ARG C 29 -8.46 0.85 20.33
C ARG C 29 -7.67 0.03 19.38
N ILE C 30 -8.39 -0.76 18.60
CA ILE C 30 -7.83 -1.63 17.58
C ILE C 30 -8.19 -1.14 16.17
N GLN C 31 -7.17 -1.15 15.33
CA GLN C 31 -7.38 -0.82 13.92
C GLN C 31 -6.31 -1.62 13.15
N VAL C 32 -6.25 -1.51 11.81
CA VAL C 32 -5.19 -2.14 11.03
C VAL C 32 -4.41 -1.13 10.26
N GLN C 33 -3.32 -1.53 9.64
CA GLN C 33 -2.47 -0.59 8.90
C GLN C 33 -1.84 -1.44 7.81
N PRO C 34 -1.69 -0.96 6.58
CA PRO C 34 -1.09 -1.77 5.55
C PRO C 34 0.23 -2.32 6.04
N SER C 35 0.67 -3.48 5.55
CA SER C 35 1.77 -4.19 6.15
C SER C 35 2.77 -4.70 5.10
N GLU C 36 4.04 -4.70 5.42
CA GLU C 36 4.97 -5.29 4.50
C GLU C 36 4.76 -6.81 4.63
N CYS C 37 4.48 -7.35 5.81
CA CYS C 37 4.17 -8.77 5.87
C CYS C 37 2.67 -8.89 5.73
N GLY C 38 2.27 -9.76 4.83
CA GLY C 38 0.91 -9.91 4.54
C GLY C 38 0.32 -8.59 4.17
N ASP C 39 -0.88 -8.38 4.66
CA ASP C 39 -1.60 -7.24 4.10
C ASP C 39 -1.76 -6.16 5.13
N TRP C 40 -2.12 -6.57 6.33
CA TRP C 40 -2.57 -5.63 7.33
C TRP C 40 -1.79 -5.98 8.57
N ARG C 41 -1.26 -4.99 9.27
CA ARG C 41 -0.72 -5.18 10.61
C ARG C 41 -1.78 -4.71 11.54
N TYR C 42 -2.00 -5.40 12.64
CA TYR C 42 -2.84 -4.86 13.70
C TYR C 42 -2.20 -3.65 14.28
N ASP C 43 -3.04 -2.75 14.76
CA ASP C 43 -2.52 -1.63 15.50
C ASP C 43 -3.33 -1.37 16.78
N LEU C 44 -2.61 -1.37 17.88
CA LEU C 44 -3.24 -1.27 19.14
C LEU C 44 -2.82 -0.03 19.85
N ALA C 45 -3.76 0.74 20.32
CA ALA C 45 -3.41 1.88 21.14
C ALA C 45 -4.31 1.98 22.38
N LEU C 46 -3.76 2.40 23.50
CA LEU C 46 -4.64 2.82 24.60
C LEU C 46 -4.99 4.24 24.31
N VAL C 47 -6.24 4.59 24.47
CA VAL C 47 -6.64 5.94 24.03
C VAL C 47 -7.50 6.54 25.09
N ALA C 48 -7.76 7.84 25.01
CA ALA C 48 -8.51 8.45 26.12
C ALA C 48 -10.01 8.19 26.00
N GLU C 49 -10.42 8.09 24.75
CA GLU C 49 -11.79 7.92 24.41
C GLU C 49 -11.77 7.35 22.99
N PRO C 50 -12.90 6.81 22.55
CA PRO C 50 -12.74 6.31 21.19
C PRO C 50 -13.35 7.36 20.26
N LYS C 51 -13.04 7.24 18.96
CA LYS C 51 -13.63 8.08 17.92
C LYS C 51 -15.12 7.76 17.89
N PRO C 52 -15.99 8.81 17.78
CA PRO C 52 -17.47 8.57 18.00
C PRO C 52 -18.00 7.36 17.21
N THR C 53 -17.40 7.17 16.05
CA THR C 53 -17.77 6.21 15.04
C THR C 53 -17.25 4.75 15.21
N ASP C 54 -16.45 4.47 16.24
CA ASP C 54 -15.90 3.13 16.43
C ASP C 54 -16.94 2.16 16.99
N LEU C 55 -16.62 0.89 16.85
CA LEU C 55 -17.47 -0.16 17.38
C LEU C 55 -17.00 -0.63 18.71
N LEU C 56 -17.82 -0.36 19.69
CA LEU C 56 -17.47 -0.64 21.07
C LEU C 56 -17.76 -2.08 21.46
N THR C 57 -16.89 -2.67 22.28
CA THR C 57 -17.20 -3.95 22.93
C THR C 57 -16.67 -3.80 24.31
N GLN C 58 -17.48 -4.22 25.29
CA GLN C 58 -17.17 -4.21 26.73
C GLN C 58 -16.70 -5.56 27.18
N SER C 59 -15.43 -5.69 27.61
CA SER C 59 -15.02 -6.91 28.32
C SER C 59 -14.22 -6.72 29.62
N GLN C 60 -14.65 -7.36 30.70
CA GLN C 60 -13.83 -7.44 31.89
C GLN C 60 -13.45 -6.08 32.49
N GLY C 61 -14.35 -5.11 32.37
CA GLY C 61 -14.14 -3.76 32.86
C GLY C 61 -13.25 -2.97 31.92
N TRP C 62 -13.20 -3.38 30.65
CA TRP C 62 -12.42 -2.73 29.62
C TRP C 62 -13.19 -2.45 28.41
N THR C 63 -13.06 -1.22 27.92
CA THR C 63 -13.68 -0.87 26.65
C THR C 63 -12.79 -1.15 25.45
N ILE C 64 -13.38 -1.82 24.46
CA ILE C 64 -12.62 -2.20 23.32
C ILE C 64 -13.20 -1.59 22.09
N ALA C 65 -12.39 -0.77 21.43
CA ALA C 65 -12.87 0.06 20.32
C ALA C 65 -12.26 -0.42 18.99
N ILE C 66 -13.12 -0.87 18.07
CA ILE C 66 -12.65 -1.29 16.78
C ILE C 66 -12.93 -0.20 15.76
N ALA C 67 -11.91 0.22 15.01
CA ALA C 67 -12.12 1.24 13.95
C ALA C 67 -13.11 0.74 12.93
N ALA C 68 -14.15 1.50 12.65
CA ALA C 68 -15.28 1.03 11.81
C ALA C 68 -14.93 0.53 10.41
N GLU C 69 -13.93 1.12 9.80
CA GLU C 69 -13.59 0.65 8.46
C GLU C 69 -12.89 -0.69 8.49
N ALA C 70 -12.46 -1.10 9.65
CA ALA C 70 -11.79 -2.35 9.75
C ALA C 70 -12.66 -3.42 10.38
N ALA C 71 -13.85 -3.06 10.79
CA ALA C 71 -14.86 -4.03 11.24
C ALA C 71 -14.79 -5.40 10.54
N GLU C 72 -14.78 -5.34 9.21
CA GLU C 72 -14.83 -6.50 8.33
C GLU C 72 -13.57 -7.34 8.51
N LEU C 73 -12.47 -6.65 8.71
CA LEU C 73 -11.21 -7.33 8.89
C LEU C 73 -11.03 -7.91 10.30
N LEU C 74 -11.85 -7.51 11.28
CA LEU C 74 -11.53 -7.77 12.69
C LEU C 74 -12.64 -8.44 13.44
N ARG C 75 -13.86 -8.48 12.88
CA ARG C 75 -15.02 -9.14 13.52
C ARG C 75 -14.58 -10.48 14.16
N GLY C 76 -14.78 -10.65 15.47
CA GLY C 76 -14.42 -11.93 16.11
C GLY C 76 -12.94 -12.19 16.42
N LEU C 77 -12.10 -11.20 16.18
CA LEU C 77 -10.75 -11.30 16.66
C LEU C 77 -10.77 -11.66 18.16
N ARG C 78 -9.83 -12.52 18.51
CA ARG C 78 -9.48 -12.76 19.87
C ARG C 78 -8.00 -12.42 20.01
N VAL C 79 -7.70 -11.75 21.11
CA VAL C 79 -6.42 -11.20 21.37
C VAL C 79 -6.01 -11.84 22.66
N ASP C 80 -4.78 -12.36 22.68
CA ASP C 80 -4.22 -13.02 23.84
C ASP C 80 -2.90 -12.30 24.14
N TYR C 81 -2.32 -12.52 25.32
CA TYR C 81 -0.99 -12.03 25.54
C TYR C 81 -0.12 -13.18 26.06
N ILE C 82 1.05 -13.44 25.46
CA ILE C 82 1.92 -14.54 25.85
C ILE C 82 3.29 -14.05 26.36
N GLU C 83 3.72 -14.39 27.56
CA GLU C 83 5.07 -14.01 27.96
C GLU C 83 6.11 -14.64 27.05
N ASP C 84 7.21 -13.94 26.80
CA ASP C 84 8.35 -14.52 26.11
C ASP C 84 9.60 -13.86 26.59
N LEU C 85 10.76 -14.26 26.08
CA LEU C 85 12.02 -13.65 26.41
C LEU C 85 12.10 -12.17 26.02
N MET C 86 11.28 -11.72 25.11
CA MET C 86 11.22 -10.30 24.90
C MET C 86 10.37 -9.53 25.95
N GLY C 87 9.73 -10.15 26.93
CA GLY C 87 8.76 -9.36 27.74
C GLY C 87 7.28 -9.58 27.48
N GLY C 88 6.98 -10.11 26.30
CA GLY C 88 5.70 -10.71 26.07
C GLY C 88 5.32 -10.17 24.74
N ALA C 89 4.20 -10.61 24.21
CA ALA C 89 3.64 -10.05 22.98
C ALA C 89 2.17 -10.44 22.91
N PHE C 90 1.36 -9.54 22.38
CA PHE C 90 -0.01 -9.90 22.02
C PHE C 90 -0.03 -10.89 20.93
N ARG C 91 -1.04 -11.75 20.94
CA ARG C 91 -1.27 -12.74 19.90
C ARG C 91 -2.61 -12.47 19.42
N PHE C 92 -2.85 -12.75 18.16
CA PHE C 92 -4.17 -12.54 17.57
C PHE C 92 -4.69 -13.72 16.86
N HIS C 93 -5.93 -14.02 17.06
CA HIS C 93 -6.50 -15.11 16.34
C HIS C 93 -7.65 -14.44 15.63
N ASN C 94 -7.55 -14.38 14.31
CA ASN C 94 -8.47 -13.62 13.52
C ASN C 94 -9.14 -14.57 12.56
N PRO C 95 -10.42 -14.84 12.79
CA PRO C 95 -11.26 -15.68 11.92
C PRO C 95 -11.27 -15.20 10.47
N ASN C 96 -10.99 -13.91 10.26
CA ASN C 96 -10.88 -13.33 8.94
C ASN C 96 -9.55 -13.57 8.28
N ALA C 97 -8.57 -14.08 9.00
CA ALA C 97 -7.25 -14.14 8.46
C ALA C 97 -7.03 -15.34 7.58
N SER C 98 -6.48 -15.17 6.39
CA SER C 98 -6.37 -16.31 5.50
C SER C 98 -5.00 -16.89 5.57
N GLN C 99 -4.05 -16.07 5.97
CA GLN C 99 -2.69 -16.49 6.33
C GLN C 99 -2.30 -15.46 7.45
N THR C 100 -1.20 -15.75 8.10
CA THR C 100 -0.76 -14.94 9.13
C THR C 100 0.72 -14.94 8.91
N CYS C 101 1.44 -13.82 9.11
CA CYS C 101 2.92 -13.88 8.94
C CYS C 101 3.61 -14.72 9.98
N GLY C 102 4.90 -14.98 9.72
CA GLY C 102 5.78 -15.66 10.70
C GLY C 102 5.71 -15.18 12.17
N CYS C 103 5.58 -13.88 12.45
CA CYS C 103 5.74 -13.34 13.83
C CYS C 103 4.38 -13.00 14.45
N GLY C 104 3.34 -13.17 13.64
CA GLY C 104 1.96 -13.05 14.10
C GLY C 104 1.36 -11.66 14.05
N MET C 105 2.19 -10.62 13.87
CA MET C 105 1.66 -9.27 13.93
C MET C 105 0.79 -8.94 12.73
N ALA C 106 1.02 -9.65 11.64
CA ALA C 106 0.45 -9.31 10.38
C ALA C 106 -0.42 -10.46 9.83
N PHE C 107 -1.47 -10.13 9.09
CA PHE C 107 -2.19 -11.16 8.37
C PHE C 107 -2.64 -10.79 6.97
N ARG C 108 -2.83 -11.77 6.08
CA ARG C 108 -3.49 -11.48 4.75
C ARG C 108 -4.94 -11.87 4.81
N VAL C 109 -5.80 -11.27 3.98
CA VAL C 109 -7.19 -11.81 3.83
C VAL C 109 -7.44 -12.44 2.45
N SER C 110 -8.57 -13.10 2.29
CA SER C 110 -8.74 -13.89 1.05
C SER C 110 -8.91 -12.98 -0.17
N ARG C 111 -8.42 -13.42 -1.32
CA ARG C 111 -8.44 -12.56 -2.55
C ARG C 111 -9.86 -12.19 -3.10
N MET D 1 -7.82 18.20 2.68
CA MET D 1 -9.12 17.61 2.25
C MET D 1 -9.02 16.88 0.97
N VAL D 2 -10.19 16.49 0.46
CA VAL D 2 -10.17 15.72 -0.73
C VAL D 2 -9.94 16.70 -1.86
N GLU D 3 -9.11 16.35 -2.80
CA GLU D 3 -8.87 17.33 -3.81
C GLU D 3 -9.09 16.64 -5.14
N LEU D 4 -9.76 17.32 -6.06
CA LEU D 4 -10.02 16.77 -7.39
C LEU D 4 -9.42 17.69 -8.40
N THR D 5 -8.43 17.22 -9.15
CA THR D 5 -7.82 18.03 -10.24
C THR D 5 -8.86 18.50 -11.29
N PRO D 6 -8.54 19.57 -12.04
CA PRO D 6 -9.45 19.94 -13.17
C PRO D 6 -9.72 18.82 -14.18
N ALA D 7 -8.69 18.04 -14.49
CA ALA D 7 -8.88 16.95 -15.42
C ALA D 7 -9.98 16.02 -14.92
N ALA D 8 -10.12 15.88 -13.62
CA ALA D 8 -11.04 14.92 -13.01
C ALA D 8 -12.42 15.52 -12.87
N ILE D 9 -12.48 16.83 -12.77
CA ILE D 9 -13.75 17.46 -12.68
C ILE D 9 -14.43 17.27 -14.01
N GLN D 10 -13.65 17.31 -15.08
CA GLN D 10 -14.24 17.33 -16.42
C GLN D 10 -14.71 15.94 -16.72
N GLU D 11 -13.93 14.97 -16.30
CA GLU D 11 -14.38 13.62 -16.48
C GLU D 11 -15.60 13.30 -15.61
N LEU D 12 -15.81 14.00 -14.53
CA LEU D 12 -17.03 13.76 -13.75
C LEU D 12 -18.19 14.53 -14.32
N GLU D 13 -17.92 15.80 -14.66
CA GLU D 13 -18.96 16.64 -15.24
C GLU D 13 -19.52 15.91 -16.46
N ARG D 14 -18.61 15.34 -17.26
CA ARG D 14 -18.98 14.49 -18.38
C ARG D 14 -20.00 13.46 -17.96
N LEU D 15 -19.58 12.51 -17.14
CA LEU D 15 -20.44 11.44 -16.65
C LEU D 15 -21.80 11.91 -16.15
N GLN D 16 -21.80 12.96 -15.34
CA GLN D 16 -22.99 13.35 -14.62
C GLN D 16 -24.11 13.75 -15.59
N THR D 17 -23.73 14.28 -16.75
CA THR D 17 -24.68 14.66 -17.80
C THR D 17 -25.22 13.49 -18.67
N HIS D 18 -24.80 12.25 -18.36
CA HIS D 18 -25.19 11.07 -19.19
C HIS D 18 -26.54 10.36 -18.87
N ALA D 25 -28.41 18.65 -8.07
CA ALA D 25 -27.21 18.91 -7.27
C ALA D 25 -26.08 17.86 -7.52
N ALA D 26 -24.83 18.34 -7.56
CA ALA D 26 -23.66 17.48 -7.94
C ALA D 26 -22.90 16.70 -6.84
N ILE D 27 -23.51 16.36 -5.69
CA ILE D 27 -22.65 15.86 -4.57
C ILE D 27 -21.96 14.57 -4.73
N LEU D 28 -20.64 14.66 -4.84
CA LEU D 28 -19.74 13.49 -4.81
C LEU D 28 -19.49 12.86 -3.39
N ARG D 29 -19.81 11.59 -3.17
CA ARG D 29 -19.62 11.03 -1.86
C ARG D 29 -18.61 9.90 -1.91
N ILE D 30 -17.72 9.87 -0.93
CA ILE D 30 -16.64 8.89 -0.96
C ILE D 30 -16.67 8.02 0.28
N GLN D 31 -16.44 6.73 0.12
CA GLN D 31 -16.33 5.87 1.25
C GLN D 31 -15.21 4.93 0.92
N VAL D 32 -14.69 4.24 1.92
CA VAL D 32 -13.64 3.24 1.62
C VAL D 32 -14.11 1.83 1.96
N GLN D 33 -13.53 0.85 1.30
CA GLN D 33 -13.66 -0.52 1.76
C GLN D 33 -12.24 -1.15 1.73
N PRO D 34 -11.95 -2.06 2.66
CA PRO D 34 -10.68 -2.72 2.69
C PRO D 34 -10.40 -3.43 1.42
N SER D 35 -9.19 -3.36 0.90
CA SER D 35 -8.88 -3.95 -0.41
C SER D 35 -7.38 -4.34 -0.42
N GLU D 36 -6.82 -4.62 -1.56
CA GLU D 36 -5.43 -4.95 -1.69
C GLU D 36 -4.96 -4.26 -2.90
N CYS D 37 -3.69 -3.87 -2.93
CA CYS D 37 -3.08 -3.58 -4.21
C CYS D 37 -1.66 -3.95 -4.17
N GLY D 38 -1.00 -3.80 -5.27
CA GLY D 38 0.38 -4.13 -5.43
C GLY D 38 1.21 -3.16 -4.66
N ASP D 39 2.33 -3.61 -4.15
CA ASP D 39 3.14 -2.81 -3.29
C ASP D 39 4.66 -3.20 -3.44
N TRP D 40 5.59 -2.30 -3.29
CA TRP D 40 6.96 -2.74 -3.32
C TRP D 40 7.37 -3.05 -1.87
N ARG D 41 7.89 -4.27 -1.65
CA ARG D 41 8.32 -4.62 -0.32
C ARG D 41 9.74 -4.10 -0.24
N TYR D 42 10.03 -3.30 0.79
CA TYR D 42 11.45 -2.86 1.00
C TYR D 42 12.29 -3.89 1.75
N ASP D 43 13.31 -4.44 1.12
CA ASP D 43 14.22 -5.40 1.78
C ASP D 43 15.37 -4.56 2.35
N LEU D 44 15.43 -4.39 3.66
CA LEU D 44 16.59 -3.79 4.28
C LEU D 44 17.57 -4.90 4.65
N ALA D 45 18.87 -4.66 4.47
CA ALA D 45 19.91 -5.57 4.92
C ALA D 45 21.03 -4.67 5.38
N LEU D 46 21.94 -5.17 6.22
CA LEU D 46 23.19 -4.52 6.54
C LEU D 46 24.23 -5.35 5.87
N VAL D 47 25.18 -4.75 5.17
CA VAL D 47 26.06 -5.55 4.34
C VAL D 47 27.43 -4.93 4.38
N ALA D 48 28.44 -5.61 3.89
CA ALA D 48 29.79 -5.13 4.21
C ALA D 48 30.05 -4.03 3.22
N GLU D 49 29.85 -4.42 1.96
CA GLU D 49 30.08 -3.57 0.82
C GLU D 49 28.73 -3.58 0.13
N PRO D 50 28.43 -2.52 -0.69
CA PRO D 50 27.37 -2.43 -1.72
C PRO D 50 27.74 -3.23 -2.95
N LYS D 51 26.77 -3.48 -3.82
CA LYS D 51 27.04 -4.05 -5.13
C LYS D 51 27.67 -2.94 -5.99
N PRO D 52 28.57 -3.32 -6.90
CA PRO D 52 29.24 -2.19 -7.53
C PRO D 52 28.28 -1.29 -8.38
N THR D 53 27.11 -1.79 -8.72
CA THR D 53 26.15 -1.03 -9.50
C THR D 53 25.22 -0.14 -8.67
N ASP D 54 25.24 -0.22 -7.35
CA ASP D 54 24.26 0.54 -6.59
C ASP D 54 24.58 2.01 -6.53
N LEU D 55 23.55 2.71 -6.13
CA LEU D 55 23.57 4.12 -5.93
C LEU D 55 23.83 4.31 -4.47
N LEU D 56 24.85 5.06 -4.12
CA LEU D 56 25.20 5.38 -2.73
C LEU D 56 24.65 6.72 -2.22
N THR D 57 24.06 6.74 -1.04
CA THR D 57 23.53 7.99 -0.48
C THR D 57 23.78 7.96 0.98
N GLN D 58 23.02 8.78 1.69
CA GLN D 58 23.34 9.02 3.08
C GLN D 58 22.22 9.68 3.84
N SER D 59 22.01 9.15 5.02
CA SER D 59 21.15 9.80 5.96
C SER D 59 21.82 9.73 7.29
N GLN D 60 22.16 10.92 7.76
CA GLN D 60 22.68 11.08 9.07
C GLN D 60 23.79 10.08 9.34
N GLY D 61 24.72 10.04 8.39
CA GLY D 61 25.98 9.40 8.68
C GLY D 61 25.93 7.89 8.54
N TRP D 62 24.77 7.38 8.09
CA TRP D 62 24.61 5.99 7.62
C TRP D 62 24.86 5.97 6.16
N THR D 63 25.74 5.08 5.75
CA THR D 63 25.76 4.71 4.34
C THR D 63 24.52 3.84 3.92
N ILE D 64 23.92 4.21 2.80
CA ILE D 64 22.73 3.54 2.26
C ILE D 64 23.01 3.13 0.81
N ALA D 65 23.06 1.84 0.52
CA ALA D 65 23.25 1.52 -0.87
C ALA D 65 21.87 1.19 -1.43
N ILE D 66 21.56 1.69 -2.61
CA ILE D 66 20.30 1.39 -3.26
C ILE D 66 20.55 0.58 -4.52
N ALA D 67 19.75 -0.48 -4.70
CA ALA D 67 19.82 -1.26 -5.95
C ALA D 67 19.64 -0.30 -7.14
N ALA D 68 20.45 -0.37 -8.18
CA ALA D 68 20.25 0.57 -9.33
C ALA D 68 18.74 0.88 -9.78
N GLU D 69 17.94 -0.15 -10.00
CA GLU D 69 16.55 -0.05 -10.49
C GLU D 69 15.59 0.51 -9.47
N ALA D 70 15.93 0.32 -8.21
CA ALA D 70 15.05 0.68 -7.15
C ALA D 70 15.06 2.22 -6.99
N ALA D 71 15.97 2.90 -7.70
CA ALA D 71 16.29 4.24 -7.35
C ALA D 71 15.15 5.22 -7.57
N GLU D 72 14.59 5.18 -8.77
CA GLU D 72 13.43 5.97 -9.06
C GLU D 72 12.33 5.79 -8.02
N LEU D 73 12.00 4.54 -7.71
CA LEU D 73 11.01 4.26 -6.71
C LEU D 73 11.33 4.55 -5.29
N LEU D 74 12.61 4.68 -4.96
CA LEU D 74 13.00 4.83 -3.56
C LEU D 74 13.24 6.26 -3.22
N ARG D 75 13.58 7.04 -4.24
CA ARG D 75 13.61 8.48 -4.12
C ARG D 75 12.54 9.00 -3.13
N GLY D 76 12.92 9.78 -2.10
CA GLY D 76 11.94 10.32 -1.13
C GLY D 76 11.33 9.34 -0.12
N LEU D 77 11.67 8.04 -0.19
CA LEU D 77 11.36 7.11 0.85
C LEU D 77 11.90 7.64 2.14
N ARG D 78 11.03 7.65 3.15
CA ARG D 78 11.39 8.06 4.51
C ARG D 78 11.24 6.79 5.35
N VAL D 79 12.23 6.41 6.15
CA VAL D 79 12.09 5.26 7.00
C VAL D 79 12.05 5.65 8.49
N ASP D 80 10.92 5.46 9.11
CA ASP D 80 10.85 5.74 10.50
C ASP D 80 10.83 4.41 11.22
N TYR D 81 10.86 4.50 12.54
CA TYR D 81 10.76 3.37 13.37
C TYR D 81 9.96 3.60 14.62
N ILE D 82 9.02 2.75 14.96
CA ILE D 82 8.22 3.01 16.14
C ILE D 82 7.93 1.80 16.99
N GLU D 83 7.94 2.03 18.30
CA GLU D 83 7.52 1.04 19.24
C GLU D 83 6.10 1.34 19.76
N ASP D 84 5.14 0.49 19.47
CA ASP D 84 3.88 0.69 20.04
C ASP D 84 3.59 -0.50 20.91
N LEU D 85 2.31 -0.73 21.15
CA LEU D 85 1.95 -1.78 22.03
C LEU D 85 2.24 -3.09 21.36
N MET D 86 2.29 -3.09 20.05
CA MET D 86 2.66 -4.25 19.36
C MET D 86 4.16 -4.45 19.31
N GLY D 87 4.92 -3.50 19.81
CA GLY D 87 6.38 -3.58 19.74
C GLY D 87 6.94 -2.74 18.66
N GLY D 88 8.22 -2.92 18.37
CA GLY D 88 8.88 -2.14 17.36
C GLY D 88 8.78 -2.68 15.96
N ALA D 89 8.75 -1.74 15.01
CA ALA D 89 8.92 -2.02 13.60
C ALA D 89 9.09 -0.68 12.89
N PHE D 90 9.83 -0.78 11.81
CA PHE D 90 10.05 0.28 10.90
C PHE D 90 8.74 0.67 10.30
N ARG D 91 8.56 1.94 10.06
CA ARG D 91 7.43 2.45 9.28
C ARG D 91 8.04 3.05 8.00
N PHE D 92 7.54 2.65 6.83
CA PHE D 92 7.98 3.18 5.55
C PHE D 92 6.91 4.10 4.93
N HIS D 93 7.30 5.28 4.52
CA HIS D 93 6.36 6.27 3.93
C HIS D 93 7.01 6.75 2.66
N ASN D 94 6.40 6.41 1.52
CA ASN D 94 7.02 6.63 0.26
C ASN D 94 6.03 7.43 -0.51
N PRO D 95 6.29 8.70 -0.74
CA PRO D 95 5.32 9.56 -1.42
C PRO D 95 5.08 9.12 -2.86
N ASN D 96 6.12 8.62 -3.53
CA ASN D 96 6.04 8.15 -4.92
C ASN D 96 4.96 7.12 -5.13
N ALA D 97 5.14 6.04 -4.39
CA ALA D 97 4.27 4.89 -4.33
C ALA D 97 2.92 5.05 -3.53
N SER D 98 2.47 6.28 -3.29
CA SER D 98 1.16 6.44 -2.66
C SER D 98 0.13 6.76 -3.71
N GLN D 99 -0.01 5.82 -4.69
CA GLN D 99 -0.54 6.14 -6.03
C GLN D 99 -1.10 4.89 -6.62
N THR D 100 -2.39 4.95 -6.81
CA THR D 100 -3.14 3.83 -7.22
C THR D 100 -3.97 4.20 -8.45
N CYS D 101 -3.90 3.35 -9.45
CA CYS D 101 -4.60 3.67 -10.69
C CYS D 101 -6.06 3.04 -10.68
N GLY D 102 -7.06 3.82 -11.10
CA GLY D 102 -8.47 3.41 -10.92
C GLY D 102 -8.81 2.50 -12.06
N CYS D 103 -10.05 2.09 -12.17
CA CYS D 103 -10.47 1.13 -13.21
C CYS D 103 -10.62 1.83 -14.55
N GLY D 104 -10.19 1.15 -15.61
CA GLY D 104 -10.22 1.69 -16.97
C GLY D 104 -11.60 1.53 -17.59
N MET D 105 -12.57 0.90 -16.89
CA MET D 105 -13.80 0.53 -17.54
C MET D 105 -15.00 1.39 -17.22
N ALA D 106 -15.99 1.44 -18.13
CA ALA D 106 -17.25 2.02 -17.68
C ALA D 106 -18.35 1.28 -18.31
N PHE D 107 -19.55 1.43 -17.77
CA PHE D 107 -20.73 0.94 -18.47
C PHE D 107 -20.82 1.62 -19.84
N ARG D 108 -21.23 0.94 -20.88
CA ARG D 108 -21.36 1.60 -22.17
C ARG D 108 -22.57 2.49 -22.19
N VAL D 109 -23.70 2.05 -21.61
CA VAL D 109 -24.82 2.98 -21.31
C VAL D 109 -24.93 3.23 -19.83
N SER D 110 -24.57 4.46 -19.47
CA SER D 110 -24.41 4.83 -18.08
C SER D 110 -25.48 5.89 -17.76
NA NA E . -6.65 -3.33 -5.77
FE1 FES F . -10.73 -2.55 -13.87
FE2 FES F . -9.45 -3.98 -15.77
S1 FES F . -11.46 -4.19 -15.06
S2 FES F . -8.87 -2.26 -14.69
NA NA G . 2.82 -6.52 2.04
FE1 FES H . 5.28 -10.80 11.20
FE2 FES H . 7.02 -9.64 9.32
S1 FES H . 6.62 -11.67 9.85
S2 FES H . 5.42 -8.74 10.36
#